data_7LNU
#
_entry.id   7LNU
#
_cell.length_a   40.892
_cell.length_b   74.503
_cell.length_c   171.691
_cell.angle_alpha   90.000
_cell.angle_beta   90.000
_cell.angle_gamma   90.000
#
_symmetry.space_group_name_H-M   'P 21 21 21'
#
loop_
_entity.id
_entity.type
_entity.pdbx_description
1 polymer 'Isopentenyl phosphate kinase'
2 non-polymer 'Isopentenyl phosphate'
3 non-polymer "ADENOSINE-5'-DIPHOSPHATE"
4 non-polymer "ADENOSINE-5'-TRIPHOSPHATE"
5 non-polymer '3-METHYLBUT-3-ENYL TRIHYDROGEN DIPHOSPHATE'
6 water water
#
_entity_poly.entity_id   1
_entity_poly.type   'polypeptide(L)'
_entity_poly.pdbx_seq_one_letter_code
;MGSSHHHHHHSSGLVPRGSHMILIKLGGSVITDKSEYHKFNKETVSRLADEIRRSGQDVMVVHGAGSFGHVIAKKYAIQD
GHVDDGQIPAAARIMCDTRELSSMVVEELLAQGIPAVSVAPGSCFVMEDGKLIVDNEEPIRRLADLGIMPVMFGDVVPDR
KKGFAIVSGDQCMEVLCRMFDPEKVVFVSDIDGLYTADPKTDKKARLIGEVTRKKLDEALTDITVADVTGGVHSKMEAML
RMTDRNRRCYLVNGNAPNRLYSLLKGETVTCTVAKGGME
;
_entity_poly.pdbx_strand_id   A,B
#
# COMPACT_ATOMS: atom_id res chain seq x y z
N SER A 19 1.57 26.66 1.26
CA SER A 19 1.97 28.00 0.84
C SER A 19 3.47 28.07 0.60
N HIS A 20 4.25 27.43 1.49
CA HIS A 20 5.71 27.40 1.38
C HIS A 20 6.23 25.99 1.16
N MET A 21 5.38 25.08 0.66
CA MET A 21 5.80 23.71 0.46
C MET A 21 6.77 23.60 -0.70
N ILE A 22 7.76 22.72 -0.56
CA ILE A 22 8.76 22.45 -1.58
C ILE A 22 8.60 21.01 -2.04
N LEU A 23 8.34 20.83 -3.33
CA LEU A 23 8.18 19.51 -3.92
C LEU A 23 9.55 18.98 -4.34
N ILE A 24 9.92 17.82 -3.79
CA ILE A 24 11.25 17.24 -4.01
C ILE A 24 11.07 15.83 -4.56
N LYS A 25 11.86 15.50 -5.58
CA LYS A 25 11.88 14.15 -6.14
C LYS A 25 13.26 13.54 -5.90
N LEU A 26 13.31 12.49 -5.09
CA LEU A 26 14.54 11.75 -4.86
C LEU A 26 14.71 10.74 -6.00
N GLY A 27 15.46 11.12 -7.02
CA GLY A 27 15.57 10.29 -8.21
C GLY A 27 16.15 8.92 -7.92
N GLY A 28 15.81 7.98 -8.79
CA GLY A 28 16.28 6.62 -8.64
C GLY A 28 17.77 6.43 -8.89
N SER A 29 18.44 7.43 -9.46
CA SER A 29 19.87 7.32 -9.72
C SER A 29 20.70 7.48 -8.45
N VAL A 30 20.18 8.18 -7.45
CA VAL A 30 20.88 8.38 -6.19
C VAL A 30 20.37 7.42 -5.11
N ILE A 31 19.06 7.22 -5.03
CA ILE A 31 18.51 6.38 -3.97
C ILE A 31 18.73 4.89 -4.23
N THR A 32 19.06 4.52 -5.47
CA THR A 32 19.37 3.13 -5.81
C THR A 32 20.60 3.09 -6.68
N ASP A 33 21.15 1.89 -6.85
CA ASP A 33 22.21 1.62 -7.81
C ASP A 33 21.53 1.21 -9.11
N LYS A 34 21.48 2.12 -10.08
CA LYS A 34 20.71 1.89 -11.30
C LYS A 34 21.19 0.67 -12.08
N SER A 35 22.44 0.26 -11.90
CA SER A 35 23.00 -0.87 -12.63
C SER A 35 22.97 -2.17 -11.84
N GLU A 36 22.50 -2.15 -10.60
CA GLU A 36 22.45 -3.34 -9.76
C GLU A 36 21.02 -3.51 -9.26
N TYR A 37 20.37 -4.59 -9.69
CA TYR A 37 18.96 -4.80 -9.40
C TYR A 37 18.71 -4.93 -7.91
N HIS A 38 17.67 -4.24 -7.43
CA HIS A 38 17.21 -4.33 -6.04
C HIS A 38 18.31 -3.91 -5.06
N LYS A 39 19.01 -2.83 -5.38
CA LYS A 39 20.08 -2.30 -4.53
C LYS A 39 19.65 -0.92 -4.03
N PHE A 40 19.39 -0.82 -2.73
CA PHE A 40 18.96 0.43 -2.11
C PHE A 40 20.13 1.15 -1.49
N ASN A 41 20.18 2.47 -1.70
CA ASN A 41 21.24 3.31 -1.14
C ASN A 41 20.75 3.84 0.22
N LYS A 42 20.86 2.99 1.24
CA LYS A 42 20.35 3.35 2.55
C LYS A 42 21.13 4.51 3.15
N GLU A 43 22.47 4.48 3.06
CA GLU A 43 23.28 5.53 3.64
C GLU A 43 23.01 6.88 2.99
N THR A 44 22.82 6.88 1.67
CA THR A 44 22.56 8.13 0.95
C THR A 44 21.17 8.67 1.28
N VAL A 45 20.17 7.79 1.34
CA VAL A 45 18.79 8.25 1.57
C VAL A 45 18.64 8.80 2.98
N SER A 46 19.30 8.19 3.96
CA SER A 46 19.23 8.70 5.33
C SER A 46 19.85 10.10 5.42
N ARG A 47 20.94 10.33 4.70
CA ARG A 47 21.55 11.66 4.70
C ARG A 47 20.65 12.69 4.04
N LEU A 48 20.07 12.35 2.88
CA LEU A 48 19.15 13.26 2.21
C LEU A 48 17.94 13.55 3.09
N ALA A 49 17.43 12.53 3.79
CA ALA A 49 16.32 12.76 4.72
C ALA A 49 16.74 13.64 5.88
N ASP A 50 17.98 13.47 6.37
CA ASP A 50 18.48 14.33 7.42
C ASP A 50 18.64 15.77 6.95
N GLU A 51 19.08 15.94 5.70
CA GLU A 51 19.19 17.28 5.13
C GLU A 51 17.81 17.92 4.95
N ILE A 52 16.78 17.10 4.74
CA ILE A 52 15.42 17.63 4.66
C ILE A 52 14.93 18.06 6.03
N ARG A 53 15.20 17.24 7.05
CA ARG A 53 14.79 17.60 8.41
C ARG A 53 15.54 18.83 8.91
N ARG A 54 16.85 18.88 8.69
CA ARG A 54 17.65 20.03 9.11
C ARG A 54 17.24 21.31 8.39
N SER A 55 16.60 21.20 7.23
CA SER A 55 16.17 22.38 6.48
C SER A 55 14.98 23.06 7.15
N GLY A 56 14.22 22.36 7.98
CA GLY A 56 13.10 22.93 8.70
C GLY A 56 11.94 23.35 7.81
N GLN A 57 12.01 22.98 6.53
CA GLN A 57 10.98 23.39 5.58
C GLN A 57 9.92 22.32 5.44
N ASP A 58 8.72 22.75 5.08
CA ASP A 58 7.62 21.83 4.78
C ASP A 58 7.79 21.33 3.35
N VAL A 59 7.88 20.01 3.18
CA VAL A 59 8.19 19.41 1.89
C VAL A 59 7.19 18.30 1.59
N MET A 60 7.18 17.89 0.32
CA MET A 60 6.42 16.73 -0.14
C MET A 60 7.34 15.93 -1.05
N VAL A 61 7.74 14.74 -0.62
CA VAL A 61 8.83 14.00 -1.25
C VAL A 61 8.25 12.97 -2.23
N VAL A 62 8.78 12.97 -3.44
CA VAL A 62 8.57 11.91 -4.41
C VAL A 62 9.91 11.21 -4.62
N HIS A 63 9.86 9.96 -5.07
CA HIS A 63 11.08 9.23 -5.36
C HIS A 63 10.86 8.31 -6.54
N GLY A 64 11.96 7.95 -7.21
CA GLY A 64 11.90 7.07 -8.35
C GLY A 64 12.05 5.61 -7.98
N ALA A 65 12.02 4.76 -9.00
CA ALA A 65 12.17 3.33 -8.81
C ALA A 65 13.61 2.86 -8.98
N GLY A 66 14.36 3.49 -9.88
CA GLY A 66 15.75 3.09 -10.07
C GLY A 66 15.85 1.66 -10.56
N SER A 67 16.72 0.89 -9.92
CA SER A 67 16.86 -0.53 -10.26
C SER A 67 15.74 -1.39 -9.68
N PHE A 68 14.87 -0.80 -8.86
CA PHE A 68 13.69 -1.51 -8.36
C PHE A 68 12.55 -1.51 -9.36
N GLY A 69 12.79 -1.08 -10.60
CA GLY A 69 11.77 -1.10 -11.62
C GLY A 69 12.32 -1.18 -13.02
N HIS A 70 13.33 -0.35 -13.32
CA HIS A 70 13.84 -0.23 -14.68
C HIS A 70 14.46 -1.53 -15.17
N VAL A 71 15.10 -2.30 -14.29
CA VAL A 71 15.80 -3.50 -14.71
C VAL A 71 14.83 -4.53 -15.26
N ILE A 72 13.75 -4.79 -14.52
CA ILE A 72 12.77 -5.78 -14.98
C ILE A 72 11.84 -5.19 -16.04
N ALA A 73 11.59 -3.87 -15.99
CA ALA A 73 10.73 -3.24 -16.98
C ALA A 73 11.31 -3.36 -18.37
N LYS A 74 12.58 -2.97 -18.54
CA LYS A 74 13.24 -3.12 -19.83
C LYS A 74 13.35 -4.58 -20.24
N LYS A 75 13.49 -5.48 -19.26
CA LYS A 75 13.63 -6.90 -19.54
C LYS A 75 12.37 -7.49 -20.16
N TYR A 76 11.19 -6.97 -19.79
CA TYR A 76 9.93 -7.51 -20.26
C TYR A 76 9.14 -6.53 -21.13
N ALA A 77 9.75 -5.44 -21.55
CA ALA A 77 9.10 -4.43 -22.41
C ALA A 77 7.81 -3.91 -21.78
N ILE A 78 7.87 -3.62 -20.48
CA ILE A 78 6.68 -3.11 -19.78
C ILE A 78 6.29 -1.75 -20.31
N GLN A 79 7.25 -0.97 -20.82
CA GLN A 79 6.94 0.33 -21.39
C GLN A 79 6.07 0.24 -22.63
N ASP A 80 6.02 -0.93 -23.28
CA ASP A 80 5.20 -1.12 -24.46
C ASP A 80 3.77 -1.53 -24.15
N GLY A 81 3.47 -1.87 -22.90
CA GLY A 81 2.13 -2.28 -22.53
C GLY A 81 1.97 -3.78 -22.55
N HIS A 82 0.72 -4.20 -22.33
CA HIS A 82 0.38 -5.61 -22.30
C HIS A 82 0.33 -6.16 -23.73
N VAL A 83 1.27 -7.03 -24.05
CA VAL A 83 1.28 -7.70 -25.35
C VAL A 83 1.30 -9.22 -25.25
N ASP A 84 1.61 -9.79 -24.09
CA ASP A 84 1.65 -11.24 -23.90
C ASP A 84 1.43 -11.54 -22.43
N ASP A 85 1.00 -12.77 -22.15
CA ASP A 85 0.70 -13.17 -20.79
C ASP A 85 1.94 -13.22 -19.90
N GLY A 86 3.13 -13.37 -20.49
CA GLY A 86 4.35 -13.44 -19.71
C GLY A 86 4.72 -12.15 -19.01
N GLN A 87 4.05 -11.04 -19.32
CA GLN A 87 4.33 -9.77 -18.68
C GLN A 87 3.59 -9.58 -17.36
N ILE A 88 2.46 -10.26 -17.17
CA ILE A 88 1.67 -10.07 -15.96
C ILE A 88 2.45 -10.47 -14.70
N PRO A 89 3.10 -11.64 -14.64
CA PRO A 89 3.94 -11.92 -13.46
C PRO A 89 5.12 -10.98 -13.33
N ALA A 90 5.61 -10.43 -14.45
CA ALA A 90 6.71 -9.47 -14.38
C ALA A 90 6.25 -8.13 -13.82
N ALA A 91 5.08 -7.66 -14.25
CA ALA A 91 4.56 -6.40 -13.75
C ALA A 91 4.27 -6.47 -12.25
N ALA A 92 3.79 -7.63 -11.78
CA ALA A 92 3.54 -7.78 -10.35
C ALA A 92 4.84 -7.81 -9.57
N ARG A 93 5.90 -8.38 -10.14
CA ARG A 93 7.20 -8.36 -9.48
C ARG A 93 7.74 -6.94 -9.37
N ILE A 94 7.55 -6.14 -10.41
CA ILE A 94 7.97 -4.74 -10.36
C ILE A 94 7.17 -3.97 -9.32
N MET A 95 5.86 -4.23 -9.26
CA MET A 95 5.01 -3.55 -8.28
C MET A 95 5.45 -3.85 -6.86
N CYS A 96 5.76 -5.12 -6.58
CA CYS A 96 6.25 -5.48 -5.26
C CYS A 96 7.59 -4.83 -4.97
N ASP A 97 8.44 -4.70 -5.98
CA ASP A 97 9.75 -4.08 -5.79
C ASP A 97 9.62 -2.59 -5.47
N THR A 98 8.75 -1.89 -6.20
CA THR A 98 8.58 -0.46 -5.96
C THR A 98 7.96 -0.18 -4.60
N ARG A 99 6.98 -1.00 -4.20
CA ARG A 99 6.40 -0.84 -2.88
C ARG A 99 7.38 -1.21 -1.78
N GLU A 100 8.30 -2.13 -2.06
CA GLU A 100 9.33 -2.47 -1.07
C GLU A 100 10.40 -1.40 -1.00
N LEU A 101 10.75 -0.80 -2.14
CA LEU A 101 11.69 0.32 -2.12
C LEU A 101 11.12 1.52 -1.40
N SER A 102 9.84 1.83 -1.64
CA SER A 102 9.22 2.97 -0.98
C SER A 102 9.14 2.76 0.53
N SER A 103 8.99 1.52 0.98
CA SER A 103 9.02 1.24 2.41
C SER A 103 10.37 1.59 3.02
N MET A 104 11.46 1.28 2.29
CA MET A 104 12.78 1.65 2.78
C MET A 104 12.96 3.16 2.81
N VAL A 105 12.42 3.87 1.82
CA VAL A 105 12.51 5.32 1.80
C VAL A 105 11.72 5.93 2.94
N VAL A 106 10.51 5.41 3.19
CA VAL A 106 9.68 5.92 4.28
C VAL A 106 10.34 5.63 5.62
N GLU A 107 11.01 4.47 5.76
CA GLU A 107 11.68 4.14 7.00
C GLU A 107 12.75 5.17 7.35
N GLU A 108 13.49 5.65 6.34
CA GLU A 108 14.47 6.70 6.59
C GLU A 108 13.79 8.02 6.94
N LEU A 109 12.62 8.29 6.36
CA LEU A 109 11.91 9.52 6.68
C LEU A 109 11.35 9.49 8.09
N LEU A 110 10.77 8.35 8.50
CA LEU A 110 10.26 8.24 9.86
C LEU A 110 11.39 8.33 10.88
N ALA A 111 12.58 7.83 10.55
CA ALA A 111 13.71 7.94 11.45
C ALA A 111 14.14 9.38 11.67
N GLN A 112 13.98 10.22 10.64
CA GLN A 112 14.29 11.64 10.73
C GLN A 112 13.12 12.47 11.26
N GLY A 113 12.16 11.83 11.94
CA GLY A 113 11.03 12.56 12.47
C GLY A 113 10.13 13.17 11.43
N ILE A 114 10.11 12.61 10.23
CA ILE A 114 9.26 13.10 9.15
C ILE A 114 8.18 12.07 8.84
N PRO A 115 6.97 12.23 9.38
CA PRO A 115 5.90 11.24 9.13
C PRO A 115 5.50 11.22 7.66
N ALA A 116 5.57 10.04 7.05
CA ALA A 116 5.27 9.89 5.64
C ALA A 116 4.69 8.50 5.40
N VAL A 117 4.02 8.35 4.26
CA VAL A 117 3.40 7.09 3.88
C VAL A 117 3.52 6.89 2.38
N SER A 118 3.67 5.64 1.97
CA SER A 118 3.79 5.30 0.56
C SER A 118 2.42 5.29 -0.10
N VAL A 119 2.32 5.94 -1.25
CA VAL A 119 1.10 5.96 -2.05
C VAL A 119 1.47 5.44 -3.43
N ALA A 120 1.23 4.15 -3.66
CA ALA A 120 1.60 3.51 -4.92
C ALA A 120 0.63 3.92 -6.02
N PRO A 121 1.09 4.60 -7.08
CA PRO A 121 0.15 4.99 -8.14
C PRO A 121 -0.52 3.81 -8.82
N GLY A 122 0.14 2.65 -8.89
CA GLY A 122 -0.47 1.49 -9.49
C GLY A 122 -1.64 0.93 -8.71
N SER A 123 -1.75 1.28 -7.43
CA SER A 123 -2.85 0.82 -6.59
C SER A 123 -3.94 1.86 -6.40
N CYS A 124 -3.68 3.12 -6.75
CA CYS A 124 -4.62 4.21 -6.49
C CYS A 124 -5.19 4.84 -7.75
N PHE A 125 -4.42 4.92 -8.82
CA PHE A 125 -4.80 5.70 -10.00
C PHE A 125 -4.69 4.82 -11.24
N VAL A 126 -5.01 5.43 -12.39
CA VAL A 126 -4.93 4.80 -13.69
C VAL A 126 -4.14 5.71 -14.63
N MET A 127 -3.99 5.27 -15.87
CA MET A 127 -3.24 6.02 -16.86
C MET A 127 -3.96 5.95 -18.21
N GLU A 128 -3.74 6.98 -19.03
CA GLU A 128 -4.33 7.05 -20.36
C GLU A 128 -3.48 7.97 -21.22
N ASP A 129 -2.95 7.44 -22.33
CA ASP A 129 -2.15 8.21 -23.28
C ASP A 129 -0.94 8.86 -22.59
N GLY A 130 -0.24 8.05 -21.78
CA GLY A 130 0.94 8.53 -21.11
C GLY A 130 0.72 9.54 -20.02
N LYS A 131 -0.53 9.77 -19.62
CA LYS A 131 -0.85 10.74 -18.58
C LYS A 131 -1.37 10.00 -17.35
N LEU A 132 -0.88 10.40 -16.17
CA LEU A 132 -1.36 9.83 -14.93
C LEU A 132 -2.67 10.51 -14.53
N ILE A 133 -3.74 9.73 -14.45
CA ILE A 133 -5.08 10.26 -14.19
C ILE A 133 -5.41 10.01 -12.72
N VAL A 134 -5.74 11.08 -12.01
CA VAL A 134 -6.14 11.02 -10.61
C VAL A 134 -7.59 11.49 -10.55
N ASP A 135 -8.52 10.54 -10.50
CA ASP A 135 -9.94 10.86 -10.46
C ASP A 135 -10.42 11.24 -9.06
N ASN A 136 -9.72 10.81 -8.02
CA ASN A 136 -10.09 11.08 -6.64
C ASN A 136 -8.89 11.69 -5.93
N GLU A 137 -9.01 12.96 -5.54
CA GLU A 137 -7.96 13.67 -4.84
C GLU A 137 -8.14 13.67 -3.33
N GLU A 138 -9.31 13.26 -2.84
CA GLU A 138 -9.57 13.31 -1.40
C GLU A 138 -8.59 12.48 -0.57
N PRO A 139 -8.21 11.25 -0.94
CA PRO A 139 -7.30 10.49 -0.07
C PRO A 139 -5.92 11.13 0.10
N ILE A 140 -5.25 11.49 -0.99
CA ILE A 140 -3.87 11.97 -0.86
C ILE A 140 -3.85 13.31 -0.15
N ARG A 141 -4.95 14.07 -0.24
CA ARG A 141 -5.02 15.40 0.37
C ARG A 141 -5.29 15.31 1.87
N ARG A 142 -6.15 14.38 2.28
CA ARG A 142 -6.39 14.20 3.71
C ARG A 142 -5.15 13.65 4.40
N LEU A 143 -4.31 12.90 3.69
CA LEU A 143 -3.03 12.50 4.25
C LEU A 143 -2.12 13.70 4.46
N ALA A 144 -2.07 14.60 3.48
CA ALA A 144 -1.26 15.81 3.63
C ALA A 144 -1.83 16.73 4.70
N ASP A 145 -3.16 16.78 4.85
CA ASP A 145 -3.75 17.61 5.89
C ASP A 145 -3.46 17.06 7.28
N LEU A 146 -3.29 15.74 7.41
CA LEU A 146 -3.03 15.12 8.69
C LEU A 146 -1.57 15.25 9.13
N GLY A 147 -0.70 15.76 8.26
CA GLY A 147 0.72 15.81 8.56
C GLY A 147 1.50 14.56 8.19
N ILE A 148 0.85 13.57 7.60
CA ILE A 148 1.51 12.35 7.14
C ILE A 148 1.77 12.55 5.65
N MET A 149 3.02 12.85 5.30
CA MET A 149 3.40 13.19 3.94
C MET A 149 3.14 12.03 2.98
N PRO A 150 2.23 12.19 2.03
CA PRO A 150 2.00 11.12 1.05
C PRO A 150 3.14 11.07 0.04
N VAL A 151 3.65 9.87 -0.20
CA VAL A 151 4.83 9.67 -1.05
C VAL A 151 4.42 8.83 -2.24
N MET A 152 4.41 9.45 -3.42
CA MET A 152 4.23 8.73 -4.67
C MET A 152 5.59 8.34 -5.25
N PHE A 153 5.57 7.41 -6.19
CA PHE A 153 6.82 6.92 -6.77
C PHE A 153 6.54 6.26 -8.11
N GLY A 154 7.60 6.11 -8.89
CA GLY A 154 7.53 5.42 -10.17
C GLY A 154 7.04 4.00 -10.00
N ASP A 155 6.06 3.61 -10.82
CA ASP A 155 5.39 2.33 -10.64
C ASP A 155 4.73 1.94 -11.95
N VAL A 156 4.26 0.69 -12.00
CA VAL A 156 3.43 0.22 -13.10
C VAL A 156 1.98 0.46 -12.72
N VAL A 157 1.24 1.12 -13.62
CA VAL A 157 -0.13 1.54 -13.33
C VAL A 157 -1.06 0.94 -14.37
N PRO A 158 -2.25 0.48 -13.99
CA PRO A 158 -3.22 0.00 -14.99
C PRO A 158 -3.53 1.07 -16.02
N ASP A 159 -3.27 0.76 -17.27
CA ASP A 159 -3.51 1.68 -18.37
C ASP A 159 -4.91 1.45 -18.95
N ARG A 160 -5.53 2.53 -19.42
CA ARG A 160 -6.86 2.46 -19.98
C ARG A 160 -6.88 1.95 -21.41
N LYS A 161 -5.73 1.87 -22.08
CA LYS A 161 -5.66 1.38 -23.45
C LYS A 161 -4.61 0.32 -23.69
N LYS A 162 -3.62 0.18 -22.81
CA LYS A 162 -2.54 -0.79 -23.01
C LYS A 162 -2.55 -1.89 -21.96
N GLY A 163 -3.53 -1.92 -21.07
CA GLY A 163 -3.50 -2.85 -19.96
C GLY A 163 -2.77 -2.25 -18.78
N PHE A 164 -1.46 -2.03 -18.93
CA PHE A 164 -0.66 -1.37 -17.92
C PHE A 164 0.34 -0.44 -18.59
N ALA A 165 0.86 0.50 -17.82
CA ALA A 165 1.85 1.44 -18.30
C ALA A 165 2.79 1.81 -17.15
N ILE A 166 3.88 2.47 -17.50
CA ILE A 166 4.89 2.88 -16.54
C ILE A 166 4.75 4.38 -16.29
N VAL A 167 4.50 4.74 -15.04
CA VAL A 167 4.51 6.15 -14.62
C VAL A 167 5.87 6.44 -14.00
N SER A 168 6.45 7.57 -14.37
CA SER A 168 7.76 7.94 -13.89
C SER A 168 7.65 8.84 -12.66
N GLY A 169 8.79 9.04 -11.99
CA GLY A 169 8.83 9.97 -10.88
C GLY A 169 8.53 11.39 -11.30
N ASP A 170 8.95 11.77 -12.51
CA ASP A 170 8.65 13.10 -13.01
C ASP A 170 7.16 13.28 -13.23
N GLN A 171 6.48 12.25 -13.73
CA GLN A 171 5.03 12.34 -13.95
C GLN A 171 4.29 12.50 -12.64
N CYS A 172 4.78 11.86 -11.57
CA CYS A 172 4.20 12.08 -10.25
C CYS A 172 4.47 13.49 -9.74
N MET A 173 5.59 14.09 -10.15
CA MET A 173 5.90 15.45 -9.75
C MET A 173 4.96 16.45 -10.41
N GLU A 174 4.68 16.27 -11.69
CA GLU A 174 3.80 17.19 -12.40
C GLU A 174 2.38 17.15 -11.84
N VAL A 175 1.90 15.95 -11.49
CA VAL A 175 0.55 15.82 -10.95
C VAL A 175 0.45 16.48 -9.58
N LEU A 176 1.43 16.21 -8.71
CA LEU A 176 1.42 16.80 -7.38
C LEU A 176 1.67 18.30 -7.40
N CYS A 177 2.33 18.81 -8.44
CA CYS A 177 2.58 20.25 -8.52
C CYS A 177 1.29 21.01 -8.76
N ARG A 178 0.52 20.62 -9.79
CA ARG A 178 -0.73 21.29 -10.07
C ARG A 178 -1.78 21.04 -8.98
N MET A 179 -1.60 19.99 -8.17
CA MET A 179 -2.57 19.68 -7.13
C MET A 179 -2.37 20.55 -5.89
N PHE A 180 -1.12 20.70 -5.45
CA PHE A 180 -0.83 21.42 -4.22
C PHE A 180 -0.20 22.79 -4.43
N ASP A 181 0.25 23.09 -5.65
CA ASP A 181 0.87 24.37 -5.98
C ASP A 181 2.02 24.66 -5.02
N PRO A 182 3.14 23.95 -5.12
CA PRO A 182 4.24 24.16 -4.19
C PRO A 182 4.90 25.51 -4.40
N GLU A 183 5.76 25.86 -3.44
CA GLU A 183 6.55 27.08 -3.56
C GLU A 183 7.81 26.86 -4.38
N LYS A 184 8.34 25.65 -4.39
CA LYS A 184 9.59 25.36 -5.08
C LYS A 184 9.62 23.89 -5.48
N VAL A 185 10.22 23.61 -6.64
CA VAL A 185 10.36 22.26 -7.15
C VAL A 185 11.85 21.94 -7.22
N VAL A 186 12.24 20.83 -6.59
CA VAL A 186 13.63 20.39 -6.56
C VAL A 186 13.70 18.97 -7.10
N PHE A 187 14.55 18.75 -8.09
CA PHE A 187 14.80 17.44 -8.66
C PHE A 187 16.19 16.99 -8.22
N VAL A 188 16.23 15.89 -7.45
CA VAL A 188 17.48 15.38 -6.88
C VAL A 188 17.97 14.24 -7.75
N SER A 189 19.21 14.35 -8.25
CA SER A 189 19.81 13.34 -9.11
C SER A 189 21.29 13.24 -8.77
N ASP A 190 22.01 12.40 -9.53
CA ASP A 190 23.44 12.18 -9.31
C ASP A 190 24.32 13.12 -10.11
N ILE A 191 23.73 13.94 -10.97
CA ILE A 191 24.43 15.01 -11.68
C ILE A 191 24.38 16.29 -10.87
N ASP A 192 25.38 17.15 -11.11
CA ASP A 192 25.32 18.52 -10.61
C ASP A 192 24.26 19.34 -11.32
N GLY A 193 23.85 18.94 -12.52
CA GLY A 193 22.83 19.67 -13.25
C GLY A 193 22.79 19.21 -14.69
N LEU A 194 21.99 19.93 -15.48
CA LEU A 194 21.87 19.64 -16.89
C LEU A 194 23.14 20.08 -17.63
N TYR A 195 23.62 19.22 -18.53
CA TYR A 195 24.81 19.47 -19.32
C TYR A 195 24.45 19.47 -20.80
N THR A 196 25.44 19.79 -21.63
CA THR A 196 25.30 19.67 -23.08
C THR A 196 25.49 18.24 -23.57
N ALA A 197 25.81 17.30 -22.67
CA ALA A 197 25.98 15.90 -23.01
C ALA A 197 25.89 15.09 -21.73
N ASP A 198 26.03 13.77 -21.87
CA ASP A 198 25.99 12.88 -20.72
C ASP A 198 27.27 13.02 -19.91
N PRO A 199 27.20 13.40 -18.63
CA PRO A 199 28.44 13.58 -17.86
C PRO A 199 29.28 12.32 -17.74
N LYS A 200 28.65 11.16 -17.56
CA LYS A 200 29.43 9.93 -17.40
C LYS A 200 30.16 9.56 -18.69
N THR A 201 29.49 9.72 -19.84
CA THR A 201 30.09 9.39 -21.12
C THR A 201 30.67 10.59 -21.84
N ASP A 202 30.62 11.78 -21.22
CA ASP A 202 31.19 12.97 -21.85
C ASP A 202 31.49 13.99 -20.75
N LYS A 203 32.77 14.14 -20.40
CA LYS A 203 33.19 15.12 -19.41
C LYS A 203 33.50 16.48 -20.02
N LYS A 204 33.57 16.59 -21.34
CA LYS A 204 33.79 17.88 -22.00
C LYS A 204 32.54 18.75 -21.98
N ALA A 205 31.37 18.18 -21.69
CA ALA A 205 30.14 18.94 -21.72
C ALA A 205 30.17 20.07 -20.71
N ARG A 206 29.49 21.17 -21.06
CA ARG A 206 29.40 22.34 -20.21
C ARG A 206 28.11 22.32 -19.40
N LEU A 207 28.16 22.93 -18.22
CA LEU A 207 27.03 22.96 -17.31
C LEU A 207 26.10 24.12 -17.66
N ILE A 208 24.80 23.86 -17.59
CA ILE A 208 23.76 24.86 -17.83
C ILE A 208 23.26 25.37 -16.49
N GLY A 209 23.19 26.68 -16.34
CA GLY A 209 22.80 27.27 -15.07
C GLY A 209 21.35 27.67 -15.00
N GLU A 210 20.86 28.36 -16.03
CA GLU A 210 19.49 28.87 -16.04
C GLU A 210 18.77 28.41 -17.30
N VAL A 211 17.46 28.22 -17.17
CA VAL A 211 16.60 27.81 -18.28
C VAL A 211 15.36 28.71 -18.29
N THR A 212 15.35 29.71 -19.16
CA THR A 212 14.20 30.61 -19.25
C THR A 212 13.62 30.61 -20.66
N SER A 234 15.06 18.99 -24.27
CA SER A 234 13.80 18.27 -24.07
C SER A 234 13.40 18.26 -22.60
N LYS A 235 14.35 17.92 -21.74
CA LYS A 235 14.11 17.94 -20.31
C LYS A 235 14.13 19.35 -19.73
N MET A 236 14.59 20.34 -20.49
CA MET A 236 14.54 21.72 -20.04
C MET A 236 13.11 22.24 -20.00
N GLU A 237 12.28 21.82 -20.96
CA GLU A 237 10.88 22.21 -20.95
C GLU A 237 10.10 21.44 -19.88
N ALA A 238 10.56 20.24 -19.53
CA ALA A 238 9.91 19.50 -18.45
C ALA A 238 10.12 20.20 -17.12
N MET A 239 11.31 20.74 -16.89
CA MET A 239 11.55 21.56 -15.70
C MET A 239 10.84 22.89 -15.78
N LEU A 240 10.84 23.50 -16.98
CA LEU A 240 10.31 24.84 -17.13
C LEU A 240 8.79 24.87 -17.05
N ARG A 241 8.13 23.76 -17.42
CA ARG A 241 6.67 23.73 -17.33
C ARG A 241 6.18 23.63 -15.89
N MET A 242 7.04 23.24 -14.96
CA MET A 242 6.69 23.17 -13.55
C MET A 242 6.97 24.47 -12.81
N THR A 243 7.35 25.52 -13.52
CA THR A 243 7.62 26.83 -12.95
C THR A 243 6.62 27.84 -13.50
N ASP A 244 6.35 28.87 -12.70
CA ASP A 244 5.66 30.02 -13.27
C ASP A 244 5.84 31.16 -12.26
N ARG A 245 5.79 32.40 -12.75
CA ARG A 245 6.00 33.57 -11.90
C ARG A 245 7.25 33.49 -11.05
N ASN A 246 7.07 33.18 -9.76
CA ASN A 246 8.17 33.13 -8.81
C ASN A 246 8.63 31.73 -8.48
N ARG A 247 7.77 30.72 -8.61
CA ARG A 247 8.16 29.36 -8.32
C ARG A 247 9.15 28.86 -9.37
N ARG A 248 10.27 28.31 -8.90
CA ARG A 248 11.32 27.80 -9.77
C ARG A 248 11.45 26.29 -9.61
N CYS A 249 12.15 25.68 -10.57
CA CYS A 249 12.43 24.25 -10.55
C CYS A 249 13.93 24.05 -10.59
N TYR A 250 14.45 23.29 -9.63
CA TYR A 250 15.89 23.08 -9.49
C TYR A 250 16.23 21.63 -9.75
N LEU A 251 17.47 21.41 -10.22
CA LEU A 251 18.02 20.08 -10.44
C LEU A 251 19.36 20.03 -9.73
N VAL A 252 19.42 19.30 -8.61
CA VAL A 252 20.56 19.35 -7.70
C VAL A 252 21.18 17.96 -7.57
N ASN A 253 22.44 17.94 -7.17
CA ASN A 253 23.19 16.70 -6.98
C ASN A 253 22.95 16.17 -5.56
N GLY A 254 22.23 15.05 -5.47
CA GLY A 254 22.01 14.43 -4.17
C GLY A 254 23.21 13.71 -3.60
N ASN A 255 24.22 13.43 -4.44
CA ASN A 255 25.42 12.78 -3.96
C ASN A 255 26.38 13.75 -3.27
N ALA A 256 26.26 15.05 -3.55
CA ALA A 256 27.08 16.04 -2.88
C ALA A 256 26.53 16.31 -1.49
N PRO A 257 27.26 16.01 -0.42
CA PRO A 257 26.72 16.21 0.93
C PRO A 257 26.42 17.68 1.19
N ASN A 258 25.28 17.92 1.85
CA ASN A 258 24.77 19.22 2.27
C ASN A 258 24.36 20.12 1.11
N ARG A 259 24.40 19.64 -0.13
CA ARG A 259 24.00 20.48 -1.25
C ARG A 259 22.48 20.64 -1.31
N LEU A 260 21.73 19.56 -1.08
CA LEU A 260 20.28 19.66 -1.05
C LEU A 260 19.83 20.48 0.16
N TYR A 261 20.50 20.30 1.30
CA TYR A 261 20.17 21.09 2.49
C TYR A 261 20.33 22.57 2.22
N SER A 262 21.47 22.96 1.64
CA SER A 262 21.72 24.38 1.38
C SER A 262 20.73 24.93 0.36
N LEU A 263 20.35 24.11 -0.63
CA LEU A 263 19.36 24.56 -1.59
C LEU A 263 18.00 24.77 -0.93
N LEU A 264 17.61 23.86 -0.04
CA LEU A 264 16.35 24.02 0.68
C LEU A 264 16.37 25.23 1.61
N LYS A 265 17.56 25.61 2.09
CA LYS A 265 17.71 26.79 2.93
C LYS A 265 17.69 28.09 2.15
N GLY A 266 17.59 28.02 0.82
CA GLY A 266 17.57 29.20 -0.02
C GLY A 266 18.91 29.65 -0.55
N GLU A 267 20.01 29.10 -0.04
CA GLU A 267 21.33 29.49 -0.51
C GLU A 267 21.55 29.04 -1.94
N THR A 268 22.42 29.76 -2.64
CA THR A 268 22.75 29.43 -4.02
C THR A 268 23.81 28.34 -4.05
N VAL A 269 23.53 27.25 -4.77
CA VAL A 269 24.43 26.12 -4.87
C VAL A 269 24.59 25.76 -6.35
N THR A 270 25.56 24.88 -6.61
CA THR A 270 25.76 24.37 -7.97
C THR A 270 24.58 23.49 -8.36
N CYS A 271 23.84 23.91 -9.37
CA CYS A 271 22.63 23.20 -9.80
C CYS A 271 22.19 23.78 -11.15
N THR A 272 21.01 23.39 -11.59
CA THR A 272 20.37 23.93 -12.78
C THR A 272 18.95 24.33 -12.43
N VAL A 273 18.59 25.58 -12.72
CA VAL A 273 17.31 26.14 -12.31
C VAL A 273 16.59 26.69 -13.53
N ALA A 274 15.28 26.44 -13.61
CA ALA A 274 14.42 27.00 -14.62
C ALA A 274 13.61 28.15 -14.01
N LYS A 275 13.50 29.25 -14.76
CA LYS A 275 12.87 30.46 -14.27
C LYS A 275 11.90 31.00 -15.31
N GLY A 276 11.06 31.93 -14.88
CA GLY A 276 10.12 32.60 -15.76
C GLY A 276 8.76 31.99 -15.98
N GLY A 277 8.70 30.68 -16.19
CA GLY A 277 7.46 29.98 -16.42
C GLY A 277 7.10 29.91 -17.89
N MET A 278 6.02 29.20 -18.17
CA MET A 278 5.69 28.97 -19.54
C MET A 278 4.79 30.04 -20.15
N GLY B 18 -22.21 -14.91 -12.58
CA GLY B 18 -21.87 -16.03 -11.71
C GLY B 18 -20.38 -16.31 -11.65
N SER B 19 -19.71 -15.71 -10.68
CA SER B 19 -18.27 -15.89 -10.55
C SER B 19 -17.94 -17.17 -9.79
N HIS B 20 -16.80 -17.76 -10.12
CA HIS B 20 -16.29 -18.94 -9.46
C HIS B 20 -15.17 -18.61 -8.48
N MET B 21 -15.18 -17.39 -7.93
CA MET B 21 -14.08 -16.89 -7.12
C MET B 21 -14.35 -17.13 -5.64
N ILE B 22 -13.28 -17.41 -4.90
CA ILE B 22 -13.33 -17.61 -3.46
C ILE B 22 -12.60 -16.46 -2.79
N LEU B 23 -13.30 -15.71 -1.95
CA LEU B 23 -12.73 -14.56 -1.24
C LEU B 23 -12.19 -15.05 0.10
N ILE B 24 -10.86 -14.98 0.27
CA ILE B 24 -10.19 -15.51 1.44
C ILE B 24 -9.67 -14.36 2.28
N LYS B 25 -9.74 -14.51 3.60
CA LYS B 25 -9.19 -13.55 4.55
C LYS B 25 -8.14 -14.25 5.40
N LEU B 26 -6.88 -13.82 5.28
CA LEU B 26 -5.80 -14.34 6.10
C LEU B 26 -5.68 -13.47 7.35
N GLY B 27 -6.26 -13.93 8.45
CA GLY B 27 -6.26 -13.12 9.66
C GLY B 27 -4.87 -12.80 10.15
N GLY B 28 -4.76 -11.65 10.82
CA GLY B 28 -3.47 -11.23 11.34
C GLY B 28 -2.91 -12.15 12.41
N SER B 29 -3.79 -12.87 13.11
CA SER B 29 -3.34 -13.79 14.15
C SER B 29 -2.64 -15.02 13.57
N VAL B 30 -2.74 -15.24 12.26
CA VAL B 30 -2.07 -16.37 11.61
C VAL B 30 -0.80 -15.93 10.91
N ILE B 31 -0.89 -14.87 10.09
CA ILE B 31 0.28 -14.42 9.34
C ILE B 31 1.28 -13.71 10.23
N THR B 32 0.89 -13.30 11.43
CA THR B 32 1.79 -12.61 12.35
C THR B 32 1.70 -13.27 13.73
N ASP B 33 2.77 -13.08 14.50
CA ASP B 33 2.77 -13.44 15.92
C ASP B 33 2.14 -12.30 16.68
N LYS B 34 0.87 -12.49 17.10
CA LYS B 34 0.11 -11.41 17.73
C LYS B 34 0.77 -10.87 18.99
N SER B 35 1.65 -11.65 19.62
CA SER B 35 2.28 -11.24 20.88
C SER B 35 3.65 -10.60 20.67
N GLU B 36 4.20 -10.63 19.46
CA GLU B 36 5.50 -10.06 19.16
C GLU B 36 5.33 -9.03 18.05
N TYR B 37 5.58 -7.76 18.37
CA TYR B 37 5.39 -6.68 17.41
C TYR B 37 6.28 -6.88 16.19
N HIS B 38 5.70 -6.65 15.01
CA HIS B 38 6.42 -6.70 13.74
C HIS B 38 7.03 -8.07 13.46
N LYS B 39 6.36 -9.13 13.90
CA LYS B 39 6.82 -10.49 13.69
C LYS B 39 5.97 -11.16 12.61
N PHE B 40 6.62 -11.69 11.59
CA PHE B 40 5.95 -12.31 10.45
C PHE B 40 6.14 -13.82 10.51
N ASN B 41 5.05 -14.56 10.36
CA ASN B 41 5.10 -16.03 10.32
C ASN B 41 5.27 -16.49 8.88
N LYS B 42 6.49 -16.27 8.37
CA LYS B 42 6.79 -16.60 6.98
C LYS B 42 6.49 -18.07 6.69
N GLU B 43 6.72 -18.93 7.68
CA GLU B 43 6.56 -20.38 7.50
C GLU B 43 5.10 -20.68 7.18
N THR B 44 4.21 -20.10 7.98
CA THR B 44 2.78 -20.37 7.89
C THR B 44 2.19 -19.78 6.62
N VAL B 45 2.61 -18.56 6.27
CA VAL B 45 2.04 -17.92 5.09
C VAL B 45 2.56 -18.61 3.83
N SER B 46 3.78 -19.14 3.89
CA SER B 46 4.34 -19.90 2.79
C SER B 46 3.54 -21.18 2.54
N ARG B 47 3.14 -21.86 3.62
CA ARG B 47 2.32 -23.06 3.47
C ARG B 47 0.92 -22.70 2.98
N LEU B 48 0.33 -21.64 3.53
CA LEU B 48 -1.01 -21.24 3.11
C LEU B 48 -1.02 -20.84 1.64
N ALA B 49 -0.02 -20.08 1.19
CA ALA B 49 0.06 -19.72 -0.22
C ALA B 49 0.24 -20.96 -1.09
N ASP B 50 1.00 -21.93 -0.61
CA ASP B 50 1.14 -23.18 -1.35
C ASP B 50 -0.18 -23.95 -1.39
N GLU B 51 -0.93 -23.92 -0.29
CA GLU B 51 -2.24 -24.56 -0.27
C GLU B 51 -3.21 -23.86 -1.21
N ILE B 52 -3.11 -22.54 -1.31
CA ILE B 52 -3.96 -21.80 -2.24
C ILE B 52 -3.60 -22.15 -3.68
N ARG B 53 -2.30 -22.26 -3.98
CA ARG B 53 -1.89 -22.63 -5.33
C ARG B 53 -2.27 -24.07 -5.66
N ARG B 54 -2.09 -24.99 -4.71
CA ARG B 54 -2.43 -26.39 -4.94
C ARG B 54 -3.92 -26.59 -5.13
N SER B 55 -4.76 -25.65 -4.67
CA SER B 55 -6.20 -25.79 -4.83
C SER B 55 -6.65 -25.55 -6.26
N GLY B 56 -5.88 -24.80 -7.05
CA GLY B 56 -6.27 -24.50 -8.41
C GLY B 56 -7.54 -23.69 -8.53
N GLN B 57 -7.89 -22.91 -7.51
CA GLN B 57 -9.11 -22.12 -7.50
C GLN B 57 -8.78 -20.65 -7.72
N ASP B 58 -9.66 -19.95 -8.42
CA ASP B 58 -9.55 -18.50 -8.57
C ASP B 58 -9.95 -17.84 -7.26
N VAL B 59 -9.00 -17.15 -6.63
CA VAL B 59 -9.20 -16.60 -5.29
C VAL B 59 -8.84 -15.11 -5.29
N MET B 60 -9.24 -14.45 -4.21
CA MET B 60 -8.86 -13.06 -3.94
C MET B 60 -8.53 -12.98 -2.45
N VAL B 61 -7.33 -12.52 -2.13
CA VAL B 61 -6.78 -12.62 -0.78
C VAL B 61 -6.84 -11.28 -0.08
N VAL B 62 -7.36 -11.29 1.14
CA VAL B 62 -7.27 -10.17 2.08
C VAL B 62 -6.54 -10.67 3.32
N HIS B 63 -5.67 -9.83 3.87
CA HIS B 63 -4.95 -10.21 5.08
C HIS B 63 -5.05 -9.11 6.12
N GLY B 64 -4.96 -9.50 7.38
CA GLY B 64 -5.01 -8.55 8.48
C GLY B 64 -3.67 -7.94 8.79
N ALA B 65 -3.67 -7.07 9.80
CA ALA B 65 -2.43 -6.45 10.26
C ALA B 65 -1.80 -7.25 11.41
N GLY B 66 -2.61 -7.62 12.40
CA GLY B 66 -2.08 -8.37 13.53
C GLY B 66 -1.08 -7.55 14.31
N SER B 67 0.08 -8.15 14.59
CA SER B 67 1.12 -7.45 15.32
C SER B 67 1.71 -6.29 14.53
N PHE B 68 1.47 -6.23 13.23
CA PHE B 68 1.92 -5.12 12.40
C PHE B 68 0.98 -3.93 12.45
N GLY B 69 0.07 -3.88 13.43
CA GLY B 69 -0.85 -2.77 13.56
C GLY B 69 -1.45 -2.62 14.94
N HIS B 70 -1.78 -3.75 15.58
CA HIS B 70 -2.51 -3.70 16.83
C HIS B 70 -1.65 -3.22 18.00
N VAL B 71 -0.35 -3.50 17.97
CA VAL B 71 0.50 -3.15 19.10
C VAL B 71 0.62 -1.63 19.24
N ILE B 72 0.78 -0.93 18.12
CA ILE B 72 0.87 0.52 18.17
C ILE B 72 -0.51 1.14 18.33
N ALA B 73 -1.52 0.58 17.64
CA ALA B 73 -2.88 1.13 17.74
C ALA B 73 -3.41 1.07 19.16
N LYS B 74 -2.92 0.13 19.97
CA LYS B 74 -3.36 0.04 21.35
C LYS B 74 -2.66 1.07 22.23
N LYS B 75 -1.36 1.29 22.00
CA LYS B 75 -0.61 2.22 22.85
C LYS B 75 -1.05 3.65 22.64
N TYR B 76 -1.24 4.06 21.39
CA TYR B 76 -1.57 5.45 21.06
C TYR B 76 -3.05 5.67 20.80
N ALA B 77 -3.88 4.63 20.98
CA ALA B 77 -5.33 4.72 20.82
C ALA B 77 -5.70 5.28 19.45
N ILE B 78 -5.20 4.59 18.41
CA ILE B 78 -5.46 5.03 17.05
C ILE B 78 -6.92 4.82 16.67
N GLN B 79 -7.57 3.82 17.27
CA GLN B 79 -8.96 3.53 16.94
C GLN B 79 -9.89 4.66 17.36
N ASP B 80 -9.51 5.43 18.39
CA ASP B 80 -10.33 6.53 18.87
C ASP B 80 -10.15 7.80 18.05
N GLY B 81 -9.31 7.78 17.02
CA GLY B 81 -9.14 8.93 16.16
C GLY B 81 -8.01 9.84 16.58
N HIS B 82 -7.95 10.99 15.90
CA HIS B 82 -6.92 11.99 16.14
C HIS B 82 -7.36 12.90 17.28
N VAL B 83 -6.75 12.72 18.45
CA VAL B 83 -7.02 13.55 19.61
C VAL B 83 -5.84 14.45 19.95
N ASP B 84 -4.62 13.93 19.82
CA ASP B 84 -3.41 14.70 20.06
C ASP B 84 -2.43 14.47 18.91
N ASP B 85 -1.54 15.45 18.71
CA ASP B 85 -0.58 15.38 17.62
C ASP B 85 0.50 14.34 17.85
N GLY B 86 0.51 13.66 19.00
CA GLY B 86 1.48 12.61 19.23
C GLY B 86 1.16 11.30 18.51
N GLN B 87 -0.07 11.15 18.04
CA GLN B 87 -0.45 9.95 17.31
C GLN B 87 -0.04 9.98 15.85
N ILE B 88 0.28 11.16 15.31
CA ILE B 88 0.65 11.26 13.90
C ILE B 88 1.91 10.44 13.60
N PRO B 89 3.00 10.52 14.37
CA PRO B 89 4.13 9.62 14.10
C PRO B 89 3.77 8.15 14.31
N ALA B 90 2.91 7.85 15.29
CA ALA B 90 2.50 6.47 15.51
C ALA B 90 1.63 5.96 14.37
N ALA B 91 0.73 6.80 13.87
CA ALA B 91 -0.12 6.39 12.75
C ALA B 91 0.71 6.13 11.50
N ALA B 92 1.72 6.97 11.26
CA ALA B 92 2.60 6.75 10.10
C ALA B 92 3.41 5.48 10.25
N ARG B 93 3.80 5.13 11.48
CA ARG B 93 4.56 3.90 11.69
C ARG B 93 3.71 2.68 11.39
N ILE B 94 2.43 2.71 11.76
CA ILE B 94 1.54 1.59 11.47
C ILE B 94 1.42 1.39 9.96
N MET B 95 1.15 2.49 9.23
CA MET B 95 0.98 2.39 7.79
C MET B 95 2.24 1.87 7.11
N CYS B 96 3.42 2.22 7.63
CA CYS B 96 4.65 1.63 7.11
C CYS B 96 4.72 0.15 7.45
N ASP B 97 4.36 -0.22 8.68
CA ASP B 97 4.42 -1.62 9.09
C ASP B 97 3.44 -2.47 8.29
N THR B 98 2.21 -1.99 8.11
CA THR B 98 1.21 -2.75 7.38
C THR B 98 1.60 -2.93 5.92
N ARG B 99 2.16 -1.89 5.30
CA ARG B 99 2.60 -2.01 3.93
C ARG B 99 3.81 -2.93 3.81
N GLU B 100 4.68 -2.95 4.84
CA GLU B 100 5.79 -3.89 4.84
C GLU B 100 5.30 -5.32 5.04
N LEU B 101 4.28 -5.50 5.89
CA LEU B 101 3.69 -6.83 6.06
C LEU B 101 3.04 -7.32 4.77
N SER B 102 2.35 -6.42 4.06
CA SER B 102 1.73 -6.82 2.80
C SER B 102 2.77 -7.22 1.76
N SER B 103 3.95 -6.60 1.81
CA SER B 103 5.04 -7.03 0.93
C SER B 103 5.42 -8.47 1.20
N MET B 104 5.53 -8.84 2.47
CA MET B 104 5.87 -10.22 2.83
C MET B 104 4.78 -11.19 2.40
N VAL B 105 3.51 -10.77 2.44
CA VAL B 105 2.43 -11.64 1.99
C VAL B 105 2.45 -11.79 0.48
N VAL B 106 2.64 -10.68 -0.24
CA VAL B 106 2.67 -10.74 -1.70
C VAL B 106 3.87 -11.54 -2.18
N GLU B 107 5.01 -11.44 -1.47
CA GLU B 107 6.19 -12.22 -1.85
C GLU B 107 5.89 -13.71 -1.80
N GLU B 108 5.14 -14.15 -0.80
CA GLU B 108 4.76 -15.56 -0.73
C GLU B 108 3.84 -15.94 -1.88
N LEU B 109 2.93 -15.03 -2.27
CA LEU B 109 2.06 -15.31 -3.40
C LEU B 109 2.83 -15.31 -4.71
N LEU B 110 3.80 -14.40 -4.86
CA LEU B 110 4.58 -14.35 -6.08
C LEU B 110 5.43 -15.61 -6.26
N ALA B 111 5.98 -16.14 -5.16
CA ALA B 111 6.78 -17.35 -5.24
C ALA B 111 5.93 -18.57 -5.60
N GLN B 112 4.62 -18.49 -5.42
CA GLN B 112 3.71 -19.58 -5.78
C GLN B 112 3.07 -19.37 -7.15
N GLY B 113 3.59 -18.44 -7.95
CA GLY B 113 3.02 -18.21 -9.27
C GLY B 113 1.68 -17.52 -9.28
N ILE B 114 1.34 -16.81 -8.21
CA ILE B 114 0.08 -16.07 -8.13
C ILE B 114 0.39 -14.58 -8.17
N PRO B 115 0.27 -13.94 -9.33
CA PRO B 115 0.55 -12.50 -9.42
C PRO B 115 -0.44 -11.69 -8.58
N ALA B 116 0.10 -10.88 -7.67
CA ALA B 116 -0.72 -10.04 -6.81
C ALA B 116 0.01 -8.74 -6.55
N VAL B 117 -0.72 -7.78 -5.98
CA VAL B 117 -0.16 -6.45 -5.70
C VAL B 117 -0.83 -5.90 -4.45
N SER B 118 -0.03 -5.25 -3.60
CA SER B 118 -0.55 -4.66 -2.38
C SER B 118 -1.36 -3.41 -2.70
N VAL B 119 -2.56 -3.33 -2.14
CA VAL B 119 -3.45 -2.18 -2.29
C VAL B 119 -3.76 -1.68 -0.89
N ALA B 120 -3.02 -0.65 -0.45
CA ALA B 120 -3.18 -0.14 0.90
C ALA B 120 -4.41 0.74 0.99
N PRO B 121 -5.43 0.38 1.79
CA PRO B 121 -6.63 1.21 1.86
C PRO B 121 -6.37 2.61 2.39
N GLY B 122 -5.41 2.77 3.31
CA GLY B 122 -5.08 4.08 3.82
C GLY B 122 -4.49 5.04 2.80
N SER B 123 -4.09 4.54 1.63
CA SER B 123 -3.56 5.37 0.57
C SER B 123 -4.48 5.46 -0.64
N CYS B 124 -5.66 4.84 -0.59
CA CYS B 124 -6.56 4.84 -1.74
C CYS B 124 -7.95 5.33 -1.37
N PHE B 125 -8.36 5.11 -0.12
CA PHE B 125 -9.74 5.31 0.29
C PHE B 125 -9.78 6.13 1.58
N VAL B 126 -11.00 6.44 2.02
CA VAL B 126 -11.26 7.12 3.27
C VAL B 126 -12.29 6.33 4.06
N MET B 127 -12.64 6.84 5.24
CA MET B 127 -13.61 6.19 6.10
C MET B 127 -14.59 7.23 6.64
N GLU B 128 -15.82 6.78 6.88
CA GLU B 128 -16.90 7.68 7.30
C GLU B 128 -17.81 6.92 8.25
N ASP B 129 -17.61 7.13 9.56
CA ASP B 129 -18.47 6.55 10.60
C ASP B 129 -18.51 5.02 10.52
N GLY B 130 -17.43 4.41 10.04
CA GLY B 130 -17.37 2.96 9.97
C GLY B 130 -17.16 2.40 8.58
N LYS B 131 -17.80 3.02 7.60
CA LYS B 131 -17.73 2.56 6.22
C LYS B 131 -16.42 3.01 5.57
N LEU B 132 -15.65 2.04 5.10
CA LEU B 132 -14.48 2.34 4.26
C LEU B 132 -14.99 2.71 2.88
N ILE B 133 -14.97 4.00 2.56
CA ILE B 133 -15.58 4.50 1.34
C ILE B 133 -14.66 4.25 0.17
N VAL B 134 -15.14 3.47 -0.81
CA VAL B 134 -14.42 3.24 -2.05
C VAL B 134 -15.16 3.96 -3.17
N ASP B 135 -14.74 5.20 -3.46
CA ASP B 135 -15.42 5.99 -4.49
C ASP B 135 -14.96 5.63 -5.89
N ASN B 136 -13.72 5.19 -6.05
CA ASN B 136 -13.16 4.83 -7.35
C ASN B 136 -12.79 3.35 -7.32
N GLU B 137 -13.50 2.55 -8.11
CA GLU B 137 -13.26 1.11 -8.19
C GLU B 137 -12.41 0.72 -9.39
N GLU B 138 -12.04 1.68 -10.24
CA GLU B 138 -11.33 1.36 -11.47
C GLU B 138 -9.96 0.72 -11.23
N PRO B 139 -9.10 1.23 -10.33
CA PRO B 139 -7.79 0.58 -10.15
C PRO B 139 -7.90 -0.88 -9.70
N ILE B 140 -8.73 -1.16 -8.69
CA ILE B 140 -8.87 -2.54 -8.23
C ILE B 140 -9.48 -3.42 -9.31
N ARG B 141 -10.49 -2.91 -10.01
CA ARG B 141 -11.14 -3.72 -11.04
C ARG B 141 -10.22 -3.95 -12.23
N ARG B 142 -9.42 -2.94 -12.59
CA ARG B 142 -8.48 -3.11 -13.71
C ARG B 142 -7.36 -4.07 -13.34
N LEU B 143 -6.85 -3.98 -12.10
CA LEU B 143 -5.81 -4.91 -11.67
C LEU B 143 -6.33 -6.34 -11.66
N ALA B 144 -7.58 -6.53 -11.21
CA ALA B 144 -8.17 -7.87 -11.22
C ALA B 144 -8.39 -8.36 -12.66
N ASP B 145 -8.72 -7.44 -13.57
CA ASP B 145 -8.90 -7.84 -14.97
C ASP B 145 -7.58 -8.21 -15.63
N LEU B 146 -6.46 -7.65 -15.14
CA LEU B 146 -5.16 -7.95 -15.70
C LEU B 146 -4.58 -9.26 -15.19
N GLY B 147 -5.21 -9.89 -14.19
CA GLY B 147 -4.65 -11.07 -13.57
C GLY B 147 -3.77 -10.80 -12.36
N ILE B 148 -3.62 -9.54 -11.97
CA ILE B 148 -2.86 -9.18 -10.78
C ILE B 148 -3.85 -9.00 -9.63
N MET B 149 -3.85 -9.95 -8.71
CA MET B 149 -4.80 -9.95 -7.61
C MET B 149 -4.59 -8.73 -6.72
N PRO B 150 -5.59 -7.84 -6.57
CA PRO B 150 -5.46 -6.70 -5.66
C PRO B 150 -5.65 -7.15 -4.22
N VAL B 151 -4.62 -6.95 -3.39
CA VAL B 151 -4.59 -7.43 -2.02
C VAL B 151 -4.77 -6.22 -1.10
N MET B 152 -5.96 -6.10 -0.52
CA MET B 152 -6.21 -5.10 0.51
C MET B 152 -5.96 -5.68 1.88
N PHE B 153 -5.68 -4.81 2.85
CA PHE B 153 -5.33 -5.27 4.18
C PHE B 153 -5.73 -4.23 5.22
N GLY B 154 -5.75 -4.66 6.48
CA GLY B 154 -6.04 -3.74 7.56
C GLY B 154 -5.00 -2.63 7.64
N ASP B 155 -5.48 -1.41 7.83
CA ASP B 155 -4.62 -0.24 7.70
C ASP B 155 -5.24 0.93 8.45
N VAL B 156 -4.41 1.94 8.71
CA VAL B 156 -4.91 3.22 9.21
C VAL B 156 -5.37 4.05 8.03
N VAL B 157 -6.59 4.54 8.09
CA VAL B 157 -7.22 5.19 6.94
C VAL B 157 -7.66 6.59 7.33
N PRO B 158 -7.48 7.59 6.47
CA PRO B 158 -8.01 8.93 6.77
C PRO B 158 -9.53 8.88 6.90
N ASP B 159 -10.04 9.57 7.92
CA ASP B 159 -11.47 9.66 8.18
C ASP B 159 -11.97 11.06 7.83
N ARG B 160 -13.28 11.18 7.66
CA ARG B 160 -13.89 12.47 7.35
C ARG B 160 -14.34 13.21 8.59
N LYS B 161 -15.14 12.56 9.45
CA LYS B 161 -15.55 13.17 10.70
C LYS B 161 -14.44 13.16 11.74
N LYS B 162 -13.41 12.33 11.55
CA LYS B 162 -12.29 12.23 12.46
C LYS B 162 -10.99 12.35 11.68
N GLY B 163 -9.88 12.46 12.40
CA GLY B 163 -8.59 12.54 11.76
C GLY B 163 -8.24 11.29 10.97
N PHE B 164 -8.03 10.19 11.67
CA PHE B 164 -7.75 8.91 11.05
C PHE B 164 -8.65 7.85 11.67
N ALA B 165 -8.73 6.70 11.01
CA ALA B 165 -9.53 5.58 11.48
C ALA B 165 -8.87 4.28 11.05
N ILE B 166 -9.27 3.20 11.72
CA ILE B 166 -8.69 1.88 11.49
C ILE B 166 -9.69 1.03 10.72
N VAL B 167 -9.25 0.50 9.58
CA VAL B 167 -10.01 -0.49 8.84
C VAL B 167 -9.43 -1.86 9.13
N SER B 168 -10.30 -2.85 9.29
CA SER B 168 -9.88 -4.21 9.56
C SER B 168 -9.95 -5.04 8.27
N GLY B 169 -9.34 -6.22 8.33
CA GLY B 169 -9.44 -7.14 7.21
C GLY B 169 -10.88 -7.51 6.90
N ASP B 170 -11.72 -7.60 7.93
CA ASP B 170 -13.13 -7.92 7.71
C ASP B 170 -13.81 -6.87 6.85
N GLN B 171 -13.53 -5.59 7.11
CA GLN B 171 -14.15 -4.52 6.32
C GLN B 171 -13.64 -4.53 4.88
N CYS B 172 -12.35 -4.79 4.69
CA CYS B 172 -11.83 -4.94 3.32
C CYS B 172 -12.48 -6.12 2.61
N MET B 173 -12.90 -7.14 3.37
CA MET B 173 -13.59 -8.27 2.78
C MET B 173 -15.00 -7.90 2.33
N GLU B 174 -15.68 -7.04 3.11
CA GLU B 174 -17.03 -6.64 2.76
C GLU B 174 -17.07 -5.84 1.46
N VAL B 175 -16.08 -4.97 1.26
CA VAL B 175 -16.05 -4.15 0.05
C VAL B 175 -15.84 -5.03 -1.18
N LEU B 176 -14.83 -5.90 -1.14
CA LEU B 176 -14.57 -6.77 -2.27
C LEU B 176 -15.67 -7.81 -2.46
N CYS B 177 -16.42 -8.13 -1.41
CA CYS B 177 -17.53 -9.06 -1.55
C CYS B 177 -18.64 -8.47 -2.41
N ARG B 178 -18.99 -7.20 -2.16
CA ARG B 178 -20.01 -6.53 -2.96
C ARG B 178 -19.49 -6.11 -4.33
N MET B 179 -18.17 -6.00 -4.50
CA MET B 179 -17.63 -5.57 -5.78
C MET B 179 -17.55 -6.70 -6.78
N PHE B 180 -17.22 -7.90 -6.32
CA PHE B 180 -17.00 -9.04 -7.20
C PHE B 180 -17.99 -10.17 -7.03
N ASP B 181 -18.79 -10.17 -5.96
CA ASP B 181 -19.79 -11.21 -5.69
C ASP B 181 -19.15 -12.59 -5.74
N PRO B 182 -18.31 -12.95 -4.77
CA PRO B 182 -17.63 -14.24 -4.82
C PRO B 182 -18.60 -15.39 -4.55
N GLU B 183 -18.21 -16.57 -5.00
CA GLU B 183 -19.01 -17.77 -4.77
C GLU B 183 -18.85 -18.29 -3.35
N LYS B 184 -17.70 -18.06 -2.72
CA LYS B 184 -17.42 -18.58 -1.39
C LYS B 184 -16.52 -17.61 -0.65
N VAL B 185 -16.71 -17.53 0.65
CA VAL B 185 -15.89 -16.70 1.53
C VAL B 185 -15.26 -17.60 2.59
N VAL B 186 -13.96 -17.42 2.81
CA VAL B 186 -13.20 -18.23 3.76
C VAL B 186 -12.48 -17.30 4.72
N PHE B 187 -12.72 -17.49 6.02
CA PHE B 187 -12.00 -16.78 7.08
C PHE B 187 -10.92 -17.69 7.63
N VAL B 188 -9.67 -17.25 7.56
CA VAL B 188 -8.52 -18.03 8.01
C VAL B 188 -8.05 -17.44 9.33
N SER B 189 -8.34 -18.13 10.43
CA SER B 189 -7.93 -17.73 11.76
C SER B 189 -7.03 -18.79 12.37
N ASP B 190 -6.53 -18.52 13.58
CA ASP B 190 -5.63 -19.43 14.27
C ASP B 190 -6.35 -20.35 15.24
N ILE B 191 -7.66 -20.52 15.07
CA ILE B 191 -8.47 -21.34 15.96
C ILE B 191 -9.37 -22.22 15.10
N ASP B 192 -9.90 -23.27 15.73
CA ASP B 192 -10.70 -24.25 14.98
C ASP B 192 -12.01 -23.66 14.45
N GLY B 193 -12.50 -22.59 15.05
CA GLY B 193 -13.73 -21.98 14.58
C GLY B 193 -14.35 -21.12 15.66
N LEU B 194 -15.64 -20.86 15.50
CA LEU B 194 -16.39 -20.09 16.49
C LEU B 194 -16.83 -20.98 17.64
N TYR B 195 -16.67 -20.47 18.86
CA TYR B 195 -17.02 -21.19 20.07
C TYR B 195 -18.05 -20.39 20.86
N THR B 196 -18.67 -21.07 21.82
CA THR B 196 -19.61 -20.40 22.71
C THR B 196 -18.90 -19.46 23.69
N ALA B 197 -17.59 -19.61 23.84
CA ALA B 197 -16.81 -18.70 24.68
C ALA B 197 -15.40 -18.57 24.11
N ASP B 198 -14.41 -18.37 24.99
CA ASP B 198 -13.02 -18.21 24.55
C ASP B 198 -12.25 -19.48 24.84
N PRO B 199 -11.84 -20.25 23.83
CA PRO B 199 -11.09 -21.48 24.09
C PRO B 199 -9.71 -21.22 24.68
N LYS B 200 -9.05 -20.12 24.31
CA LYS B 200 -7.77 -19.79 24.90
C LYS B 200 -7.90 -19.48 26.39
N THR B 201 -9.12 -19.21 26.87
CA THR B 201 -9.37 -19.00 28.29
C THR B 201 -10.26 -20.12 28.83
N ASP B 202 -11.54 -20.13 28.48
CA ASP B 202 -12.45 -21.17 28.92
C ASP B 202 -12.22 -22.46 28.15
N LYS B 203 -12.35 -23.60 28.84
CA LYS B 203 -12.28 -24.91 28.18
C LYS B 203 -13.63 -25.58 28.05
N LYS B 204 -14.63 -25.14 28.83
CA LYS B 204 -15.97 -25.71 28.73
C LYS B 204 -16.69 -25.32 27.43
N ALA B 205 -16.14 -24.38 26.66
CA ALA B 205 -16.77 -23.95 25.43
C ALA B 205 -16.58 -24.97 24.33
N ARG B 206 -17.64 -25.21 23.56
CA ARG B 206 -17.60 -26.11 22.42
C ARG B 206 -17.72 -25.31 21.13
N LEU B 207 -17.00 -25.76 20.10
CA LEU B 207 -17.08 -25.14 18.79
C LEU B 207 -18.52 -25.10 18.29
N ILE B 208 -18.90 -23.98 17.68
CA ILE B 208 -20.20 -23.86 17.03
C ILE B 208 -20.03 -24.24 15.57
N GLY B 209 -20.75 -25.28 15.15
CA GLY B 209 -20.59 -25.81 13.80
C GLY B 209 -21.28 -24.99 12.72
N GLU B 210 -22.49 -24.53 13.01
CA GLU B 210 -23.31 -23.82 12.03
C GLU B 210 -23.76 -22.48 12.60
N VAL B 211 -23.84 -21.47 11.74
CA VAL B 211 -24.26 -20.13 12.12
C VAL B 211 -25.35 -19.66 11.16
N THR B 212 -26.52 -19.36 11.71
CA THR B 212 -27.63 -18.84 10.90
C THR B 212 -28.20 -17.58 11.54
N ARG B 213 -29.33 -17.10 11.02
CA ARG B 213 -29.94 -15.88 11.56
C ARG B 213 -30.53 -16.13 12.94
N LYS B 214 -31.26 -17.23 13.12
CA LYS B 214 -31.88 -17.51 14.41
C LYS B 214 -30.83 -17.73 15.49
N LYS B 215 -29.67 -18.29 15.13
CA LYS B 215 -28.60 -18.43 16.10
C LYS B 215 -27.94 -17.09 16.40
N LEU B 216 -27.86 -16.21 15.39
CA LEU B 216 -27.37 -14.86 15.63
C LEU B 216 -28.33 -14.06 16.49
N ASP B 217 -29.64 -14.25 16.28
CA ASP B 217 -30.63 -13.59 17.13
C ASP B 217 -30.63 -14.20 18.52
N GLU B 218 -30.45 -15.52 18.62
CA GLU B 218 -30.36 -16.17 19.93
C GLU B 218 -29.06 -15.84 20.64
N ALA B 219 -28.02 -15.43 19.89
CA ALA B 219 -26.77 -15.04 20.51
C ALA B 219 -26.90 -13.77 21.34
N LEU B 220 -27.97 -13.00 21.12
CA LEU B 220 -28.22 -11.82 21.94
C LEU B 220 -28.66 -12.19 23.35
N THR B 221 -29.11 -13.43 23.57
CA THR B 221 -29.52 -13.87 24.89
C THR B 221 -28.28 -14.14 25.75
N ASP B 222 -28.28 -13.59 26.97
CA ASP B 222 -27.16 -13.74 27.91
C ASP B 222 -27.78 -13.78 29.32
N ILE B 223 -28.26 -14.96 29.71
CA ILE B 223 -28.98 -15.09 30.98
C ILE B 223 -28.04 -14.81 32.14
N THR B 224 -26.88 -15.47 32.17
CA THR B 224 -25.92 -15.28 33.25
C THR B 224 -25.08 -14.01 33.08
N VAL B 225 -25.31 -13.25 32.01
CA VAL B 225 -24.55 -12.03 31.73
C VAL B 225 -23.06 -12.36 31.71
N ALA B 226 -22.66 -13.24 30.79
CA ALA B 226 -21.28 -13.66 30.66
C ALA B 226 -20.60 -13.14 29.40
N ASP B 227 -21.36 -12.61 28.44
CA ASP B 227 -20.81 -12.04 27.21
C ASP B 227 -21.40 -10.63 27.07
N VAL B 228 -20.86 -9.70 27.85
CA VAL B 228 -21.40 -8.35 27.89
C VAL B 228 -21.10 -7.62 26.58
N THR B 229 -19.86 -7.69 26.11
CA THR B 229 -19.49 -7.04 24.86
C THR B 229 -20.11 -7.70 23.64
N GLY B 230 -20.81 -8.82 23.81
CA GLY B 230 -21.42 -9.50 22.67
C GLY B 230 -20.41 -10.00 21.67
N GLY B 231 -19.33 -10.61 22.15
CA GLY B 231 -18.29 -11.08 21.24
C GLY B 231 -18.75 -12.19 20.33
N VAL B 232 -19.52 -13.14 20.87
CA VAL B 232 -20.02 -14.24 20.05
C VAL B 232 -21.00 -13.73 19.01
N HIS B 233 -21.86 -12.78 19.39
CA HIS B 233 -22.81 -12.21 18.43
C HIS B 233 -22.08 -11.42 17.35
N SER B 234 -21.02 -10.69 17.72
CA SER B 234 -20.28 -9.91 16.74
C SER B 234 -19.56 -10.80 15.75
N LYS B 235 -18.89 -11.86 16.24
CA LYS B 235 -18.21 -12.78 15.34
C LYS B 235 -19.19 -13.50 14.42
N MET B 236 -20.40 -13.77 14.91
CA MET B 236 -21.42 -14.40 14.08
C MET B 236 -21.90 -13.47 12.98
N GLU B 237 -22.19 -12.21 13.33
CA GLU B 237 -22.69 -11.26 12.34
C GLU B 237 -21.65 -10.99 11.25
N ALA B 238 -20.37 -10.97 11.63
CA ALA B 238 -19.31 -10.73 10.64
C ALA B 238 -19.26 -11.83 9.60
N MET B 239 -19.68 -13.05 9.95
CA MET B 239 -19.69 -14.15 9.00
C MET B 239 -20.97 -14.17 8.15
N LEU B 240 -22.11 -13.87 8.76
CA LEU B 240 -23.37 -13.92 8.03
C LEU B 240 -23.46 -12.82 6.97
N ARG B 241 -22.89 -11.64 7.25
CA ARG B 241 -22.93 -10.55 6.29
C ARG B 241 -22.06 -10.82 5.07
N MET B 242 -21.25 -11.88 5.10
CA MET B 242 -20.51 -12.33 3.93
C MET B 242 -21.22 -13.45 3.18
N THR B 243 -22.50 -13.68 3.48
CA THR B 243 -23.26 -14.76 2.89
C THR B 243 -24.50 -14.21 2.21
N ASP B 244 -24.91 -14.89 1.13
CA ASP B 244 -26.11 -14.57 0.38
C ASP B 244 -27.16 -15.64 0.68
N ARG B 245 -28.20 -15.70 -0.15
CA ARG B 245 -29.05 -16.87 -0.16
C ARG B 245 -28.33 -18.08 -0.76
N ASN B 246 -27.03 -17.95 -1.05
CA ASN B 246 -26.35 -18.82 -1.99
C ASN B 246 -24.95 -19.03 -1.44
N ARG B 247 -24.30 -17.90 -1.19
CA ARG B 247 -22.92 -17.85 -0.75
C ARG B 247 -22.79 -18.29 0.70
N ARG B 248 -21.73 -19.03 1.00
CA ARG B 248 -21.46 -19.51 2.34
C ARG B 248 -20.11 -18.97 2.81
N CYS B 249 -19.97 -18.89 4.13
CA CYS B 249 -18.75 -18.40 4.76
C CYS B 249 -18.21 -19.46 5.70
N TYR B 250 -16.91 -19.72 5.62
CA TYR B 250 -16.25 -20.74 6.43
C TYR B 250 -15.14 -20.11 7.25
N LEU B 251 -15.09 -20.44 8.53
CA LEU B 251 -14.02 -20.02 9.44
C LEU B 251 -13.16 -21.24 9.73
N VAL B 252 -11.93 -21.23 9.22
CA VAL B 252 -11.06 -22.40 9.26
C VAL B 252 -9.78 -22.04 10.01
N ASN B 253 -9.14 -23.08 10.57
CA ASN B 253 -7.89 -22.92 11.30
C ASN B 253 -6.74 -22.93 10.30
N GLY B 254 -6.07 -21.79 10.13
CA GLY B 254 -4.95 -21.71 9.22
C GLY B 254 -3.69 -22.39 9.72
N ASN B 255 -3.63 -22.71 11.01
CA ASN B 255 -2.48 -23.41 11.56
C ASN B 255 -2.55 -24.91 11.35
N ALA B 256 -3.66 -25.43 10.85
CA ALA B 256 -3.77 -26.85 10.54
C ALA B 256 -3.28 -27.11 9.13
N PRO B 257 -2.19 -27.86 8.95
CA PRO B 257 -1.66 -28.06 7.59
C PRO B 257 -2.65 -28.76 6.68
N ASN B 258 -2.75 -28.25 5.46
CA ASN B 258 -3.59 -28.77 4.38
C ASN B 258 -5.08 -28.65 4.65
N ARG B 259 -5.48 -28.02 5.76
CA ARG B 259 -6.90 -27.86 6.04
C ARG B 259 -7.53 -26.79 5.15
N LEU B 260 -6.81 -25.67 4.93
CA LEU B 260 -7.30 -24.66 4.00
C LEU B 260 -7.34 -25.20 2.58
N TYR B 261 -6.32 -25.96 2.19
CA TYR B 261 -6.30 -26.56 0.86
C TYR B 261 -7.53 -27.45 0.65
N SER B 262 -7.85 -28.29 1.63
CA SER B 262 -9.01 -29.17 1.51
C SER B 262 -10.31 -28.37 1.43
N LEU B 263 -10.40 -27.30 2.22
CA LEU B 263 -11.59 -26.44 2.17
C LEU B 263 -11.75 -25.81 0.79
N LEU B 264 -10.63 -25.41 0.17
CA LEU B 264 -10.71 -24.81 -1.16
C LEU B 264 -11.10 -25.82 -2.22
N LYS B 265 -10.78 -27.11 -2.00
CA LYS B 265 -11.21 -28.16 -2.91
C LYS B 265 -12.69 -28.50 -2.78
N GLY B 266 -13.34 -28.04 -1.72
CA GLY B 266 -14.76 -28.28 -1.52
C GLY B 266 -15.10 -29.45 -0.61
N GLU B 267 -14.11 -30.16 -0.09
CA GLU B 267 -14.37 -31.29 0.79
C GLU B 267 -14.54 -30.81 2.23
N THR B 268 -15.21 -31.64 3.02
CA THR B 268 -15.57 -31.26 4.39
C THR B 268 -14.35 -31.29 5.30
N VAL B 269 -14.18 -30.23 6.07
CA VAL B 269 -13.12 -30.11 7.06
C VAL B 269 -13.72 -29.64 8.37
N THR B 270 -12.88 -29.60 9.41
CA THR B 270 -13.27 -29.01 10.69
C THR B 270 -13.27 -27.50 10.54
N CYS B 271 -14.44 -26.88 10.67
CA CYS B 271 -14.59 -25.45 10.45
C CYS B 271 -15.95 -25.01 10.98
N THR B 272 -16.19 -23.71 10.90
CA THR B 272 -17.49 -23.12 11.24
C THR B 272 -18.09 -22.57 9.95
N VAL B 273 -19.29 -23.03 9.61
CA VAL B 273 -19.97 -22.65 8.38
C VAL B 273 -21.12 -21.72 8.71
N ALA B 274 -21.26 -20.66 7.91
CA ALA B 274 -22.36 -19.72 8.01
C ALA B 274 -23.12 -19.69 6.70
N LYS B 275 -24.46 -19.67 6.78
CA LYS B 275 -25.29 -19.70 5.59
C LYS B 275 -26.60 -18.98 5.88
N GLY B 276 -27.28 -18.58 4.81
CA GLY B 276 -28.57 -17.92 4.93
C GLY B 276 -28.53 -16.47 4.51
N GLY B 277 -27.45 -15.78 4.86
CA GLY B 277 -27.33 -14.39 4.52
C GLY B 277 -28.03 -13.48 5.52
N MET B 278 -28.04 -12.20 5.18
CA MET B 278 -28.66 -11.20 6.04
C MET B 278 -29.52 -10.22 5.24
#